data_6UVB
#
_entry.id   6UVB
#
_cell.length_a   108.788
_cell.length_b   108.788
_cell.length_c   68.697
_cell.angle_alpha   90.000
_cell.angle_beta   90.000
_cell.angle_gamma   90.000
#
_symmetry.space_group_name_H-M   'P 42 2 2'
#
loop_
_entity.id
_entity.type
_entity.pdbx_description
1 polymer 'Multi-sensor signal transduction histidine kinase'
2 non-polymer PHYCOCYANOBILIN
3 water water
#
_entity_poly.entity_id   1
_entity_poly.type   'polypeptide(L)'
_entity_poly.pdbx_seq_one_letter_code
;MLQLQRQKIIQDITQQIRSTLNVNHILATVTQQVKELMQVERVIIFRLFPNGRSQIVEEVVSSEYAALKNYHWEDEKWSQ
EILDCYWQGKPRIVPDVINDIWTSCLVEYTTQGNIQSKIVAPILQELGENETGRWVSSEHKQKLWGVLVVHACSTKRVWE
EDEAQLLQQIANQLAIAIQQLEHHHHHH
;
_entity_poly.pdbx_strand_id   A
#
# COMPACT_ATOMS: atom_id res chain seq x y z
N MET A 1 23.66 -3.82 -41.85
CA MET A 1 22.46 -3.94 -42.67
C MET A 1 21.25 -3.57 -41.83
N LEU A 2 20.09 -4.06 -42.25
CA LEU A 2 18.85 -3.91 -41.51
C LEU A 2 18.67 -5.02 -40.49
N GLN A 3 19.69 -5.86 -40.28
CA GLN A 3 19.78 -6.64 -39.05
C GLN A 3 19.63 -5.72 -37.85
N LEU A 4 19.87 -4.42 -38.06
CA LEU A 4 19.55 -3.36 -37.11
C LEU A 4 18.10 -3.44 -36.64
N GLN A 5 17.15 -3.63 -37.57
CA GLN A 5 15.74 -3.63 -37.17
C GLN A 5 15.34 -4.89 -36.42
N ARG A 6 16.16 -5.94 -36.43
CA ARG A 6 15.87 -7.11 -35.62
C ARG A 6 15.77 -6.74 -34.14
N GLN A 7 16.67 -5.87 -33.67
CA GLN A 7 16.81 -5.60 -32.23
C GLN A 7 16.01 -4.39 -31.75
N LYS A 8 15.34 -3.65 -32.63
CA LYS A 8 14.45 -2.58 -32.19
C LYS A 8 13.09 -3.10 -31.75
N ILE A 9 12.90 -4.41 -31.75
CA ILE A 9 11.77 -5.02 -31.07
C ILE A 9 12.22 -5.97 -29.94
N ILE A 10 13.41 -6.56 -30.03
CA ILE A 10 13.90 -7.37 -28.90
C ILE A 10 14.04 -6.50 -27.66
N GLN A 11 14.51 -5.26 -27.84
CA GLN A 11 14.49 -4.30 -26.77
C GLN A 11 13.07 -3.86 -26.42
N ASP A 12 12.13 -3.99 -27.37
CA ASP A 12 10.72 -3.84 -27.04
C ASP A 12 10.23 -5.02 -26.24
N ILE A 13 10.46 -6.23 -26.75
CA ILE A 13 9.86 -7.40 -26.13
C ILE A 13 10.42 -7.60 -24.72
N THR A 14 11.75 -7.51 -24.58
CA THR A 14 12.36 -7.57 -23.25
C THR A 14 11.76 -6.51 -22.36
N GLN A 15 11.43 -5.34 -22.93
CA GLN A 15 10.82 -4.27 -22.16
C GLN A 15 9.47 -4.72 -21.59
N GLN A 16 8.63 -5.32 -22.42
CA GLN A 16 7.32 -5.72 -21.92
C GLN A 16 7.43 -6.80 -20.85
N ILE A 17 8.43 -7.68 -20.99
CA ILE A 17 8.60 -8.78 -20.04
C ILE A 17 9.05 -8.24 -18.68
N ARG A 18 10.17 -7.50 -18.65
CA ARG A 18 10.65 -6.95 -17.38
C ARG A 18 9.67 -5.95 -16.81
N SER A 19 8.94 -5.24 -17.68
CA SER A 19 7.84 -4.36 -17.27
C SER A 19 6.81 -5.14 -16.47
N THR A 20 6.03 -5.97 -17.17
CA THR A 20 4.89 -6.66 -16.57
C THR A 20 5.29 -7.54 -15.39
N LEU A 21 6.56 -7.99 -15.32
CA LEU A 21 6.98 -9.03 -14.39
C LEU A 21 7.63 -8.52 -13.10
N ASN A 22 8.14 -7.29 -13.09
CA ASN A 22 8.61 -6.71 -11.84
C ASN A 22 7.42 -6.09 -11.11
N VAL A 23 7.40 -6.27 -9.78
CA VAL A 23 6.22 -5.91 -8.98
C VAL A 23 5.99 -4.39 -8.99
N ASN A 24 7.07 -3.61 -8.80
CA ASN A 24 6.93 -2.15 -8.64
C ASN A 24 6.18 -1.51 -9.79
N HIS A 25 6.41 -1.99 -11.03
CA HIS A 25 5.70 -1.38 -12.14
C HIS A 25 4.18 -1.55 -12.00
N ILE A 26 3.73 -2.67 -11.44
CA ILE A 26 2.28 -2.85 -11.31
C ILE A 26 1.74 -2.23 -10.03
N LEU A 27 2.60 -2.05 -9.01
CA LEU A 27 2.29 -1.15 -7.89
C LEU A 27 2.10 0.28 -8.36
N ALA A 28 3.11 0.82 -9.06
CA ALA A 28 3.10 2.22 -9.47
C ALA A 28 1.96 2.53 -10.46
N THR A 29 1.43 1.51 -11.13
CA THR A 29 0.35 1.71 -12.08
C THR A 29 -1.01 1.61 -11.41
N VAL A 30 -1.17 0.66 -10.50
CA VAL A 30 -2.41 0.57 -9.73
C VAL A 30 -2.62 1.82 -8.88
N THR A 31 -1.63 2.17 -8.06
CA THR A 31 -1.69 3.37 -7.22
C THR A 31 -2.04 4.61 -8.01
N GLN A 32 -1.40 4.79 -9.18
CA GLN A 32 -1.74 5.92 -10.04
C GLN A 32 -3.21 5.87 -10.46
N GLN A 33 -3.80 4.67 -10.56
CA GLN A 33 -5.19 4.57 -10.96
C GLN A 33 -6.14 4.82 -9.77
N VAL A 34 -5.84 4.23 -8.62
CA VAL A 34 -6.59 4.51 -7.40
C VAL A 34 -6.61 6.01 -7.11
N LYS A 35 -5.47 6.71 -7.33
CA LYS A 35 -5.40 8.14 -7.05
C LYS A 35 -6.35 8.90 -7.96
N GLU A 36 -6.26 8.63 -9.27
CA GLU A 36 -7.06 9.40 -10.22
C GLU A 36 -8.54 9.10 -10.08
N LEU A 37 -8.88 7.89 -9.64
CA LEU A 37 -10.27 7.43 -9.62
C LEU A 37 -11.02 7.94 -8.40
N MET A 38 -10.38 7.94 -7.23
CA MET A 38 -10.99 8.42 -5.99
C MET A 38 -10.74 9.90 -5.74
N GLN A 39 -10.02 10.60 -6.64
CA GLN A 39 -9.69 12.01 -6.48
C GLN A 39 -9.13 12.28 -5.09
N VAL A 40 -8.14 11.50 -4.74
CA VAL A 40 -7.47 11.59 -3.45
C VAL A 40 -6.17 12.33 -3.66
N GLU A 41 -5.76 13.13 -2.68
CA GLU A 41 -4.53 13.90 -2.86
C GLU A 41 -3.27 13.05 -2.74
N ARG A 42 -3.33 11.89 -2.06
CA ARG A 42 -2.16 11.02 -1.97
C ARG A 42 -2.60 9.56 -1.88
N VAL A 43 -1.86 8.69 -2.57
CA VAL A 43 -1.97 7.25 -2.38
C VAL A 43 -0.58 6.73 -2.07
N ILE A 44 -0.48 5.85 -1.07
CA ILE A 44 0.79 5.25 -0.71
C ILE A 44 0.58 3.76 -0.57
N ILE A 45 1.69 3.05 -0.51
CA ILE A 45 1.75 1.66 -0.08
C ILE A 45 2.71 1.57 1.07
N PHE A 46 2.23 1.09 2.20
CA PHE A 46 3.09 0.90 3.35
C PHE A 46 3.53 -0.57 3.37
N ARG A 47 4.83 -0.80 3.10
CA ARG A 47 5.41 -2.15 3.18
C ARG A 47 5.88 -2.43 4.61
N LEU A 48 5.32 -3.49 5.20
CA LEU A 48 5.71 -4.05 6.50
C LEU A 48 6.60 -5.25 6.26
N PHE A 49 7.95 -5.12 6.71
CA PHE A 49 8.95 -6.18 6.77
C PHE A 49 8.89 -6.86 8.13
N PRO A 50 9.15 -8.17 8.18
CA PRO A 50 8.98 -8.90 9.45
C PRO A 50 10.01 -8.52 10.51
N ASN A 51 11.22 -8.12 10.10
CA ASN A 51 12.27 -7.79 11.07
C ASN A 51 11.89 -6.61 11.95
N GLY A 52 10.83 -5.91 11.62
CA GLY A 52 10.39 -4.72 12.32
C GLY A 52 10.41 -3.46 11.47
N ARG A 53 11.12 -3.47 10.35
CA ARG A 53 11.16 -2.27 9.52
C ARG A 53 9.86 -2.11 8.71
N SER A 54 9.73 -0.95 8.09
CA SER A 54 8.53 -0.59 7.37
C SER A 54 8.78 0.69 6.59
N GLN A 55 8.35 0.71 5.33
CA GLN A 55 8.67 1.84 4.48
C GLN A 55 7.53 2.12 3.51
N ILE A 56 7.33 3.40 3.20
CA ILE A 56 6.47 3.81 2.09
C ILE A 56 7.21 3.49 0.79
N VAL A 57 6.74 2.50 0.05
CA VAL A 57 7.49 2.02 -1.10
C VAL A 57 7.00 2.60 -2.42
N GLU A 58 5.69 2.88 -2.53
CA GLU A 58 5.17 3.63 -3.67
C GLU A 58 4.32 4.78 -3.16
N GLU A 59 4.34 5.88 -3.91
CA GLU A 59 3.46 7.00 -3.59
C GLU A 59 3.23 7.80 -4.85
N VAL A 60 2.04 8.39 -4.92
CA VAL A 60 1.56 9.14 -6.06
C VAL A 60 0.89 10.40 -5.53
N VAL A 61 1.64 11.48 -5.43
CA VAL A 61 1.12 12.66 -4.75
C VAL A 61 0.56 13.64 -5.75
N SER A 62 -0.59 14.21 -5.40
CA SER A 62 -0.92 15.56 -5.83
C SER A 62 0.25 16.46 -5.47
N SER A 63 0.87 17.08 -6.49
CA SER A 63 2.13 17.82 -6.36
C SER A 63 2.14 18.88 -5.26
N GLU A 64 0.95 19.20 -4.72
CA GLU A 64 0.82 20.21 -3.67
C GLU A 64 1.53 19.82 -2.38
N TYR A 65 1.68 18.51 -2.12
CA TYR A 65 2.00 18.00 -0.81
C TYR A 65 3.27 17.15 -0.88
N ALA A 66 3.85 16.89 0.29
CA ALA A 66 5.18 16.29 0.35
C ALA A 66 5.22 14.91 -0.27
N ALA A 67 6.43 14.47 -0.55
CA ALA A 67 6.71 13.15 -1.09
C ALA A 67 7.09 12.27 0.09
N LEU A 68 6.13 11.52 0.57
CA LEU A 68 6.46 10.62 1.65
C LEU A 68 7.03 9.31 1.15
N LYS A 69 7.29 9.20 -0.16
CA LYS A 69 7.97 8.02 -0.69
C LYS A 69 9.22 7.77 0.16
N ASN A 70 9.56 6.50 0.29
CA ASN A 70 10.77 6.00 0.94
C ASN A 70 10.75 6.23 2.46
N TYR A 71 9.72 6.87 3.01
CA TYR A 71 9.65 7.11 4.45
C TYR A 71 9.51 5.80 5.20
N HIS A 72 10.11 5.73 6.38
CA HIS A 72 10.52 4.46 6.93
C HIS A 72 10.69 4.58 8.44
N TRP A 73 11.02 3.44 9.04
CA TRP A 73 11.04 3.28 10.48
C TRP A 73 11.25 1.81 10.85
N GLU A 74 11.84 1.55 12.03
CA GLU A 74 12.17 0.19 12.49
C GLU A 74 11.37 -0.16 13.75
N ASP A 75 11.19 -1.46 13.97
CA ASP A 75 10.44 -2.02 15.12
C ASP A 75 9.01 -1.46 15.17
N GLU A 76 8.28 -1.62 14.07
CA GLU A 76 6.92 -1.10 13.96
C GLU A 76 5.97 -2.05 14.69
N LYS A 77 5.38 -1.59 15.78
CA LYS A 77 4.42 -2.37 16.54
C LYS A 77 3.05 -1.75 16.36
N TRP A 78 2.07 -2.54 15.97
CA TRP A 78 0.72 -1.99 15.90
C TRP A 78 -0.13 -2.47 17.07
N SER A 79 -1.21 -1.75 17.29
CA SER A 79 -2.07 -2.04 18.41
C SER A 79 -2.86 -3.29 18.10
N GLN A 80 -2.99 -4.17 19.10
CA GLN A 80 -3.49 -5.51 18.86
C GLN A 80 -4.91 -5.48 18.29
N GLU A 81 -5.78 -4.66 18.90
CA GLU A 81 -7.14 -4.44 18.41
C GLU A 81 -7.16 -4.05 16.92
N ILE A 82 -6.20 -3.20 16.49
CA ILE A 82 -6.12 -2.76 15.10
C ILE A 82 -5.71 -3.91 14.16
N LEU A 83 -4.72 -4.71 14.58
CA LEU A 83 -4.21 -5.79 13.74
C LEU A 83 -5.26 -6.88 13.56
N ASP A 84 -6.00 -7.21 14.64
CA ASP A 84 -7.12 -8.13 14.52
C ASP A 84 -8.08 -7.69 13.42
N CYS A 85 -8.45 -6.40 13.42
CA CYS A 85 -9.30 -5.87 12.37
C CYS A 85 -8.70 -6.10 10.99
N TYR A 86 -7.42 -5.74 10.80
CA TYR A 86 -6.82 -5.83 9.45
C TYR A 86 -6.56 -7.29 9.04
N TRP A 87 -6.45 -8.22 10.00
CA TRP A 87 -6.16 -9.61 9.63
C TRP A 87 -7.35 -10.24 8.94
N GLN A 88 -8.55 -9.93 9.41
CA GLN A 88 -9.79 -10.40 8.80
C GLN A 88 -10.05 -9.77 7.44
N GLY A 89 -9.11 -8.98 6.89
CA GLY A 89 -9.30 -8.37 5.60
C GLY A 89 -10.28 -7.21 5.60
N LYS A 90 -10.46 -6.56 6.75
CA LYS A 90 -11.37 -5.43 6.87
C LYS A 90 -10.59 -4.13 6.78
N PRO A 91 -11.01 -3.17 5.95
CA PRO A 91 -10.38 -1.86 5.97
C PRO A 91 -10.69 -1.06 7.21
N ARG A 92 -10.17 0.15 7.23
CA ARG A 92 -10.29 1.05 8.37
C ARG A 92 -10.56 2.43 7.81
N ILE A 93 -11.56 3.12 8.35
CA ILE A 93 -11.83 4.49 7.92
C ILE A 93 -11.44 5.41 9.06
N VAL A 94 -10.46 6.27 8.80
CA VAL A 94 -10.00 7.18 9.82
C VAL A 94 -10.49 8.55 9.39
N PRO A 95 -11.67 8.93 9.86
CA PRO A 95 -12.30 10.18 9.41
C PRO A 95 -11.72 11.41 10.06
N ASP A 96 -10.86 11.27 11.08
CA ASP A 96 -10.08 12.39 11.60
C ASP A 96 -8.78 11.84 12.19
N VAL A 97 -7.71 11.85 11.36
CA VAL A 97 -6.43 11.25 11.75
C VAL A 97 -5.80 11.98 12.91
N ILE A 98 -6.11 13.26 13.06
CA ILE A 98 -5.39 14.06 14.04
C ILE A 98 -5.82 13.70 15.48
N ASN A 99 -7.08 13.29 15.70
CA ASN A 99 -7.56 12.75 16.98
C ASN A 99 -7.77 11.24 16.94
N ASP A 100 -7.06 10.54 16.07
CA ASP A 100 -7.07 9.09 16.06
C ASP A 100 -6.04 8.59 17.07
N ILE A 101 -6.46 7.73 17.99
CA ILE A 101 -5.53 7.38 19.06
C ILE A 101 -4.52 6.33 18.58
N TRP A 102 -4.87 5.58 17.55
CA TRP A 102 -4.03 4.54 16.97
C TRP A 102 -2.90 5.11 16.11
N THR A 103 -3.08 6.33 15.60
CA THR A 103 -2.09 7.07 14.82
C THR A 103 -1.66 8.31 15.61
N SER A 104 -1.64 8.16 16.93
CA SER A 104 -1.35 9.25 17.87
C SER A 104 0.12 9.59 17.94
N CYS A 105 0.98 8.82 17.27
CA CYS A 105 2.41 9.07 17.23
C CYS A 105 2.90 9.55 15.87
N LEU A 106 2.35 9.01 14.80
CA LEU A 106 2.60 9.51 13.44
C LEU A 106 1.97 10.89 13.31
N VAL A 107 2.43 11.82 14.16
CA VAL A 107 1.97 13.19 14.13
C VAL A 107 3.00 14.10 13.48
N GLU A 108 4.28 13.78 13.64
CA GLU A 108 5.26 14.32 12.71
C GLU A 108 4.82 14.03 11.29
N TYR A 109 4.78 12.74 10.96
CA TYR A 109 4.34 12.23 9.67
C TYR A 109 2.95 12.75 9.28
N THR A 110 1.98 12.78 10.22
CA THR A 110 0.65 13.35 9.94
C THR A 110 0.73 14.80 9.49
N THR A 111 1.51 15.63 10.21
CA THR A 111 1.49 17.06 9.99
C THR A 111 2.16 17.45 8.67
N GLN A 112 3.20 16.71 8.29
CA GLN A 112 3.85 16.94 6.99
C GLN A 112 2.95 16.50 5.83
N GLY A 113 2.56 15.21 5.80
CA GLY A 113 1.63 14.69 4.81
C GLY A 113 0.33 15.47 4.70
N ASN A 114 0.00 16.29 5.70
CA ASN A 114 -1.20 17.13 5.70
C ASN A 114 -2.46 16.28 5.75
N ILE A 115 -2.38 15.10 6.33
CA ILE A 115 -3.50 14.16 6.31
C ILE A 115 -4.57 14.60 7.29
N GLN A 116 -5.79 14.69 6.79
CA GLN A 116 -6.93 14.95 7.65
C GLN A 116 -7.73 13.68 7.89
N SER A 117 -8.00 12.93 6.82
CA SER A 117 -8.79 11.70 6.88
C SER A 117 -8.25 10.69 5.88
N LYS A 118 -8.52 9.42 6.13
CA LYS A 118 -7.80 8.47 5.31
C LYS A 118 -8.47 7.12 5.43
N ILE A 119 -8.27 6.30 4.41
CA ILE A 119 -8.75 4.94 4.43
C ILE A 119 -7.54 4.02 4.33
N VAL A 120 -7.44 3.07 5.26
CA VAL A 120 -6.36 2.07 5.33
C VAL A 120 -6.90 0.67 4.99
N ALA A 121 -6.32 0.04 3.95
CA ALA A 121 -6.80 -1.21 3.39
C ALA A 121 -5.70 -2.28 3.42
N PRO A 122 -5.80 -3.31 4.26
CA PRO A 122 -4.71 -4.29 4.37
C PRO A 122 -4.48 -5.11 3.12
N ILE A 123 -3.23 -5.56 2.97
CA ILE A 123 -2.79 -6.45 1.90
C ILE A 123 -2.30 -7.74 2.53
N LEU A 124 -3.02 -8.83 2.28
CA LEU A 124 -2.83 -10.08 3.01
C LEU A 124 -2.29 -11.21 2.13
N GLN A 125 -1.22 -11.84 2.58
CA GLN A 125 -0.66 -13.02 1.94
C GLN A 125 -1.19 -14.25 2.66
N GLU A 126 -1.97 -15.06 1.95
CA GLU A 126 -2.16 -16.42 2.43
C GLU A 126 -0.78 -17.04 2.37
N LEU A 127 -0.08 -17.06 3.51
CA LEU A 127 1.21 -17.72 3.64
C LEU A 127 1.02 -18.83 4.67
N GLY A 128 0.97 -20.06 4.19
CA GLY A 128 0.98 -21.22 5.05
C GLY A 128 2.40 -21.69 5.29
N GLU A 129 2.51 -22.96 5.71
CA GLU A 129 3.79 -23.63 5.92
C GLU A 129 4.55 -22.99 7.08
N ASN A 130 5.86 -22.73 6.93
CA ASN A 130 6.68 -22.20 8.02
C ASN A 130 7.25 -20.83 7.68
N GLU A 131 6.66 -19.79 8.27
CA GLU A 131 7.25 -18.45 8.32
C GLU A 131 6.61 -17.76 9.52
N THR A 132 7.41 -17.00 10.26
CA THR A 132 6.88 -16.30 11.41
C THR A 132 7.66 -15.01 11.61
N GLY A 133 6.95 -13.95 11.99
CA GLY A 133 7.54 -12.65 12.22
C GLY A 133 6.65 -11.79 13.08
N ARG A 134 6.67 -10.48 12.83
CA ARG A 134 5.92 -9.49 13.59
C ARG A 134 4.53 -9.23 13.02
N TRP A 135 4.28 -9.68 11.79
CA TRP A 135 3.06 -9.36 11.05
C TRP A 135 2.34 -10.61 10.58
N VAL A 136 2.31 -11.65 11.40
CA VAL A 136 1.83 -12.96 11.00
C VAL A 136 0.85 -13.47 12.05
N SER A 137 -0.20 -14.15 11.59
CA SER A 137 -1.27 -14.62 12.48
C SER A 137 -1.42 -16.13 12.41
N SER A 138 -1.59 -16.74 13.58
CA SER A 138 -1.94 -18.14 13.66
C SER A 138 -3.44 -18.37 13.62
N GLU A 139 -4.23 -17.44 14.18
CA GLU A 139 -5.69 -17.57 14.13
C GLU A 139 -6.22 -17.50 12.70
N HIS A 140 -5.70 -16.59 11.88
CA HIS A 140 -6.24 -16.34 10.55
C HIS A 140 -5.37 -16.89 9.42
N LYS A 141 -4.28 -17.59 9.73
CA LYS A 141 -3.40 -18.26 8.76
C LYS A 141 -2.98 -17.35 7.61
N GLN A 142 -2.65 -16.10 7.94
CA GLN A 142 -2.30 -15.11 6.94
C GLN A 142 -1.29 -14.12 7.54
N LYS A 143 -0.43 -13.60 6.67
CA LYS A 143 0.57 -12.60 7.01
C LYS A 143 0.16 -11.26 6.42
N LEU A 144 0.40 -10.18 7.17
CA LEU A 144 0.11 -8.83 6.71
C LEU A 144 1.33 -8.31 5.97
N TRP A 145 1.31 -8.43 4.65
CA TRP A 145 2.42 -7.94 3.85
C TRP A 145 2.62 -6.43 4.05
N GLY A 146 1.52 -5.69 4.06
CA GLY A 146 1.58 -4.24 4.18
C GLY A 146 0.19 -3.66 4.06
N VAL A 147 0.10 -2.44 3.51
CA VAL A 147 -1.12 -1.65 3.66
C VAL A 147 -1.25 -0.63 2.54
N LEU A 148 -2.39 -0.66 1.81
CA LEU A 148 -2.76 0.39 0.85
C LEU A 148 -3.49 1.51 1.59
N VAL A 149 -2.96 2.73 1.56
CA VAL A 149 -3.59 3.89 2.19
C VAL A 149 -3.92 4.94 1.14
N VAL A 150 -4.96 5.69 1.45
CA VAL A 150 -5.43 6.83 0.69
C VAL A 150 -5.53 8.02 1.66
N HIS A 151 -5.07 9.21 1.24
CA HIS A 151 -4.96 10.37 2.12
C HIS A 151 -5.83 11.53 1.63
N ALA A 152 -6.66 12.09 2.49
CA ALA A 152 -7.45 13.25 2.13
C ALA A 152 -6.89 14.41 2.91
N CYS A 153 -6.09 15.23 2.21
CA CYS A 153 -5.31 16.30 2.80
C CYS A 153 -5.95 17.69 2.66
N SER A 154 -6.58 18.00 1.53
CA SER A 154 -7.17 19.32 1.36
C SER A 154 -8.36 19.54 2.29
N THR A 155 -9.21 18.52 2.47
CA THR A 155 -10.37 18.62 3.35
C THR A 155 -10.49 17.38 4.22
N LYS A 156 -11.18 17.57 5.35
CA LYS A 156 -11.61 16.45 6.19
C LYS A 156 -12.71 15.73 5.44
N ARG A 157 -12.32 14.88 4.50
CA ARG A 157 -13.25 14.23 3.60
C ARG A 157 -14.06 13.15 4.31
N VAL A 158 -15.33 13.08 3.99
CA VAL A 158 -16.15 11.98 4.47
C VAL A 158 -16.12 10.87 3.43
N TRP A 159 -16.00 9.64 3.91
CA TRP A 159 -15.87 8.48 3.06
C TRP A 159 -17.13 7.62 3.13
N GLU A 160 -17.45 6.94 2.02
CA GLU A 160 -18.58 6.01 1.95
C GLU A 160 -18.13 4.59 2.25
N GLU A 161 -19.10 3.72 2.56
CA GLU A 161 -18.82 2.32 2.79
C GLU A 161 -18.24 1.67 1.55
N ASP A 162 -18.80 2.01 0.39
CA ASP A 162 -18.37 1.39 -0.85
C ASP A 162 -17.11 2.07 -1.36
N GLU A 163 -16.66 3.13 -0.68
CA GLU A 163 -15.35 3.70 -0.96
C GLU A 163 -14.27 2.88 -0.28
N ALA A 164 -14.44 2.59 1.01
CA ALA A 164 -13.56 1.64 1.67
C ALA A 164 -13.76 0.21 1.14
N GLN A 165 -15.03 -0.28 1.10
CA GLN A 165 -15.39 -1.57 0.47
C GLN A 165 -14.60 -1.65 -0.84
N LEU A 166 -14.52 -0.54 -1.59
CA LEU A 166 -13.89 -0.60 -2.93
C LEU A 166 -12.38 -0.75 -2.84
N LEU A 167 -11.75 0.12 -2.03
CA LEU A 167 -10.32 0.09 -1.73
C LEU A 167 -9.87 -1.33 -1.40
N GLN A 168 -10.43 -1.90 -0.34
CA GLN A 168 -10.15 -3.28 0.05
C GLN A 168 -10.25 -4.26 -1.15
N GLN A 169 -11.20 -4.06 -2.04
CA GLN A 169 -11.29 -5.02 -3.14
C GLN A 169 -10.07 -4.88 -4.06
N ILE A 170 -9.45 -3.70 -4.06
CA ILE A 170 -8.30 -3.46 -4.91
C ILE A 170 -7.02 -3.99 -4.25
N ALA A 171 -6.87 -3.77 -2.93
CA ALA A 171 -5.78 -4.40 -2.20
C ALA A 171 -5.88 -5.92 -2.29
N ASN A 172 -7.09 -6.48 -2.22
CA ASN A 172 -7.19 -7.93 -2.16
C ASN A 172 -6.69 -8.54 -3.45
N GLN A 173 -6.76 -7.76 -4.55
CA GLN A 173 -6.21 -8.14 -5.85
C GLN A 173 -4.71 -7.93 -5.97
N LEU A 174 -4.14 -7.05 -5.15
CA LEU A 174 -2.69 -6.96 -5.01
C LEU A 174 -2.14 -8.10 -4.17
N ALA A 175 -2.85 -8.50 -3.11
CA ALA A 175 -2.46 -9.64 -2.31
C ALA A 175 -2.11 -10.85 -3.19
N ILE A 176 -2.97 -11.15 -4.16
CA ILE A 176 -2.73 -12.28 -5.07
C ILE A 176 -1.54 -12.01 -5.98
N ALA A 177 -1.49 -10.81 -6.55
CA ALA A 177 -0.44 -10.49 -7.52
C ALA A 177 0.93 -10.44 -6.86
N ILE A 178 1.00 -10.08 -5.58
CA ILE A 178 2.28 -10.01 -4.90
C ILE A 178 2.79 -11.40 -4.52
N GLN A 179 1.89 -12.26 -4.03
CA GLN A 179 2.24 -13.66 -3.74
C GLN A 179 2.94 -14.33 -4.92
N GLN A 180 2.74 -13.81 -6.12
CA GLN A 180 3.28 -14.37 -7.35
C GLN A 180 4.68 -13.88 -7.70
N LEU A 181 5.01 -12.62 -7.44
CA LEU A 181 6.21 -11.99 -8.00
C LEU A 181 7.35 -11.79 -6.98
N GLU A 182 7.59 -12.74 -6.08
CA GLU A 182 8.58 -12.56 -5.01
C GLU A 182 9.88 -13.36 -5.19
N HIS A 183 10.05 -14.09 -6.30
CA HIS A 183 11.27 -14.87 -6.59
C HIS A 183 11.54 -16.00 -5.59
#